data_3WLJ
#
_entry.id   3WLJ
#
_cell.length_a   100.816
_cell.length_b   100.816
_cell.length_c   181.646
_cell.angle_alpha   90.00
_cell.angle_beta   90.00
_cell.angle_gamma   90.00
#
_symmetry.space_group_name_H-M   'P 43 21 2'
#
loop_
_entity.id
_entity.type
_entity.pdbx_description
1 polymer 'Beta-D-glucan exohydrolase isoenzyme ExoI'
2 branched beta-D-mannopyranose-(1-4)-2-acetamido-2-deoxy-beta-D-glucopyranose-(1-4)-2-acetamido-2-deoxy-beta-D-glucopyranose
3 branched 2-acetamido-2-deoxy-beta-D-glucopyranose-(1-2)-alpha-D-mannopyranose-(1-6)-beta-D-mannopyranose-(1-4)-2-acetamido-2-deoxy-beta-D-glucopyranose-(1-4)-[beta-L-fucopyranose-(1-3)]2-acetamido-2-deoxy-beta-D-glucopyranose
4 branched beta-D-xylopyranose-(1-2)-beta-D-mannopyranose-(1-4)-2-acetamido-2-deoxy-beta-D-glucopyranose-(1-4)-[beta-L-fucopyranose-(1-3)]2-acetamido-2-deoxy-beta-D-glucopyranose
5 non-polymer beta-D-glucopyranose
6 non-polymer 3-deoxy-beta-D-glucopyranose
7 non-polymer GLYCEROL
8 non-polymer 'SULFATE ION'
9 water water
#
_entity_poly.entity_id   1
_entity_poly.type   'polypeptide(L)'
_entity_poly.pdbx_seq_one_letter_code
;DYVLYKDATKPVEDRVADLLGRMTLAEKIGQMTQIERLVATPDVLRDNFIGSLLSGGGSVPRKGATAKEWQDMVDGFQKA
CMSTRLGIPMIYGIDAVHGQNNVYGATIFPHNVGLGATRDPYLVKRIGEATALEVRATGIQYAFAPCIAVCRDPRWGRCY
ESYSEDRRIVQSMTELIPGLQGDVPKDFTSGMPFVAGKNKVAACAKHFVGDGGTVDGINENNTIINREGLMNIHMPAYKN
AMDKGVSTVMISYSSWNGVKMHANQDLVTGYLKDTLKFKGFVISDWEGIDRITTPAGSDYSYSVKASILAGLDMIMVPNK
YQQFISILTGHVNGGVIPMSRIDDAVTRILRVKFTMGLFENPYADPAMAEQLGKQEHRDLAREAARKSLVLLKNGKTSTD
APLLPLPKKAPKILVAGSHADNLGYQCGGWTIEWQGDTGRTTVGTTILEAVKAAVDPSTVVVFAENPDAEFVKSGGFSYA
IVAVGEHPYTETKGDNLNLTIPEPGLSTVQAVCGGVRCATVLISGRPVVVQPLLAASDALVAAWLPGSEGQGVTDALFGD
FGFTGRLPRTWFKSVDQLPMNVGDAHYDPLFRLGYGLTTNATKKY
;
_entity_poly.pdbx_strand_id   A
#
# COMPACT_ATOMS: atom_id res chain seq x y z
N ASP A 1 7.33 43.72 -12.52
CA ASP A 1 8.66 43.26 -13.03
C ASP A 1 8.65 41.75 -13.29
N TYR A 2 9.84 41.22 -13.57
CA TYR A 2 10.03 39.80 -13.81
C TYR A 2 9.84 39.02 -12.49
N VAL A 3 9.09 37.92 -12.58
CA VAL A 3 8.77 37.08 -11.41
C VAL A 3 9.48 35.74 -11.57
N LEU A 4 10.59 35.59 -10.85
CA LEU A 4 11.48 34.46 -11.04
C LEU A 4 10.79 33.11 -10.80
N TYR A 5 9.93 33.01 -9.79
CA TYR A 5 9.37 31.69 -9.48
C TYR A 5 8.45 31.13 -10.58
N LYS A 6 7.95 32.03 -11.44
CA LYS A 6 7.07 31.61 -12.53
C LYS A 6 7.85 31.23 -13.78
N ASP A 7 9.17 31.33 -13.70
CA ASP A 7 10.02 31.06 -14.86
C ASP A 7 10.50 29.60 -14.84
N ALA A 8 9.92 28.78 -15.72
CA ALA A 8 10.24 27.34 -15.79
C ALA A 8 11.69 27.00 -16.11
N THR A 9 12.44 27.96 -16.67
CA THR A 9 13.85 27.73 -17.02
C THR A 9 14.82 27.89 -15.85
N LYS A 10 14.29 28.36 -14.70
CA LYS A 10 15.13 28.66 -13.54
C LYS A 10 15.31 27.44 -12.62
N PRO A 11 16.48 27.33 -11.95
CA PRO A 11 16.73 26.23 -11.01
C PRO A 11 15.69 26.19 -9.92
N VAL A 12 15.30 24.97 -9.53
CA VAL A 12 14.33 24.79 -8.46
C VAL A 12 14.64 25.61 -7.20
N GLU A 13 15.88 25.55 -6.71
CA GLU A 13 16.18 26.27 -5.45
C GLU A 13 15.95 27.79 -5.57
N ASP A 14 16.26 28.35 -6.73
CA ASP A 14 16.00 29.78 -6.98
C ASP A 14 14.51 30.09 -7.01
N ARG A 15 13.74 29.22 -7.65
CA ARG A 15 12.28 29.39 -7.71
C ARG A 15 11.67 29.29 -6.33
N VAL A 16 12.10 28.28 -5.56
CA VAL A 16 11.67 28.14 -4.16
C VAL A 16 11.92 29.43 -3.36
N ALA A 17 13.17 29.91 -3.38
CA ALA A 17 13.54 31.08 -2.57
C ALA A 17 12.76 32.33 -3.02
N ASP A 18 12.60 32.47 -4.33
CA ASP A 18 11.89 33.62 -4.87
C ASP A 18 10.43 33.64 -4.45
N LEU A 19 9.79 32.47 -4.51
CA LEU A 19 8.40 32.39 -4.10
C LEU A 19 8.25 32.57 -2.58
N LEU A 20 9.09 31.89 -1.80
CA LEU A 20 9.01 31.93 -0.35
C LEU A 20 9.08 33.39 0.16
N GLY A 21 9.97 34.16 -0.45
CA GLY A 21 10.21 35.55 -0.04
C GLY A 21 9.02 36.47 -0.25
N ARG A 22 8.04 36.01 -1.04
CA ARG A 22 6.84 36.81 -1.36
C ARG A 22 5.62 36.46 -0.50
N MET A 23 5.71 35.38 0.27
CA MET A 23 4.52 34.80 0.89
C MET A 23 4.17 35.42 2.24
N THR A 24 2.88 35.63 2.47
CA THR A 24 2.38 36.00 3.79
C THR A 24 2.37 34.79 4.74
N LEU A 25 2.18 35.05 6.03
CA LEU A 25 2.04 33.96 6.97
C LEU A 25 0.89 33.04 6.61
N ALA A 26 -0.26 33.61 6.22
CA ALA A 26 -1.44 32.85 5.85
C ALA A 26 -1.11 31.94 4.65
N GLU A 27 -0.32 32.47 3.72
CA GLU A 27 0.02 31.72 2.49
C GLU A 27 0.98 30.58 2.84
N LYS A 28 1.88 30.83 3.79
CA LYS A 28 2.82 29.79 4.27
C LYS A 28 2.11 28.66 5.01
N ILE A 29 1.29 29.02 5.99
CA ILE A 29 0.55 28.02 6.76
C ILE A 29 -0.41 27.24 5.84
N GLY A 30 -0.97 27.93 4.85
CA GLY A 30 -1.85 27.28 3.88
C GLY A 30 -1.11 26.15 3.15
N GLN A 31 0.14 26.40 2.75
CA GLN A 31 0.93 25.34 2.06
C GLN A 31 1.08 24.10 2.92
N MET A 32 1.16 24.31 4.24
CA MET A 32 1.41 23.24 5.21
C MET A 32 0.15 22.45 5.52
N THR A 33 -0.97 22.89 4.93
CA THR A 33 -2.27 22.32 5.26
C THR A 33 -2.79 21.40 4.15
N GLN A 34 -3.02 20.14 4.50
CA GLN A 34 -3.66 19.19 3.59
C GLN A 34 -5.07 18.83 4.08
N ILE A 35 -6.06 18.97 3.19
CA ILE A 35 -7.45 18.72 3.58
C ILE A 35 -8.12 17.65 2.71
N GLU A 36 -9.11 17.00 3.29
CA GLU A 36 -9.93 16.02 2.57
C GLU A 36 -10.75 16.71 1.48
N ARG A 37 -10.85 16.08 0.33
CA ARG A 37 -11.79 16.58 -0.70
C ARG A 37 -13.20 16.76 -0.11
N LEU A 38 -13.57 15.96 0.90
CA LEU A 38 -14.93 16.06 1.48
C LEU A 38 -15.22 17.39 2.17
N VAL A 39 -14.18 18.12 2.58
CA VAL A 39 -14.36 19.45 3.21
C VAL A 39 -13.92 20.62 2.30
N ALA A 40 -13.47 20.28 1.09
CA ALA A 40 -12.96 21.30 0.17
C ALA A 40 -14.07 21.94 -0.67
N THR A 41 -13.94 23.24 -0.89
CA THR A 41 -14.75 23.97 -1.88
C THR A 41 -13.81 24.98 -2.52
N PRO A 42 -14.21 25.54 -3.69
CA PRO A 42 -13.37 26.59 -4.25
C PRO A 42 -13.03 27.74 -3.29
N ASP A 43 -14.02 28.24 -2.54
CA ASP A 43 -13.75 29.35 -1.61
C ASP A 43 -12.79 28.95 -0.49
N VAL A 44 -12.98 27.74 0.04
CA VAL A 44 -12.12 27.25 1.12
C VAL A 44 -10.67 27.18 0.64
N LEU A 45 -10.47 26.64 -0.57
CA LEU A 45 -9.11 26.45 -1.10
C LEU A 45 -8.42 27.77 -1.39
N ARG A 46 -9.18 28.72 -1.94
CA ARG A 46 -8.69 30.03 -2.25
C ARG A 46 -8.46 30.83 -0.95
N ASP A 47 -9.48 30.89 -0.09
CA ASP A 47 -9.41 31.77 1.09
C ASP A 47 -8.35 31.36 2.11
N ASN A 48 -8.10 30.05 2.21
CA ASN A 48 -7.09 29.51 3.10
C ASN A 48 -5.75 29.14 2.43
N PHE A 49 -5.62 29.45 1.15
CA PHE A 49 -4.36 29.25 0.43
C PHE A 49 -3.87 27.79 0.58
N ILE A 50 -4.81 26.85 0.49
CA ILE A 50 -4.55 25.44 0.84
C ILE A 50 -3.48 24.82 -0.08
N GLY A 51 -2.55 24.06 0.52
CA GLY A 51 -1.43 23.49 -0.23
C GLY A 51 -1.67 22.10 -0.82
N SER A 52 -2.60 21.35 -0.23
CA SER A 52 -2.78 19.96 -0.67
C SER A 52 -4.16 19.46 -0.36
N LEU A 53 -4.65 18.52 -1.18
CA LEU A 53 -5.86 17.78 -0.87
C LEU A 53 -5.53 16.30 -0.90
N LEU A 54 -6.38 15.51 -0.27
CA LEU A 54 -6.32 14.07 -0.43
C LEU A 54 -7.71 13.46 -0.48
N SER A 55 -7.74 12.24 -1.04
CA SER A 55 -8.81 11.29 -0.82
C SER A 55 -8.32 10.29 0.21
N GLY A 56 -9.02 10.19 1.34
CA GLY A 56 -8.79 9.05 2.24
C GLY A 56 -9.40 7.80 1.58
N GLY A 57 -9.20 6.63 2.20
CA GLY A 57 -9.78 5.39 1.65
C GLY A 57 -11.29 5.55 1.43
N GLY A 58 -11.74 5.22 0.21
CA GLY A 58 -13.15 5.29 -0.18
C GLY A 58 -13.70 6.69 -0.43
N SER A 59 -12.83 7.72 -0.38
CA SER A 59 -13.28 9.10 -0.63
C SER A 59 -13.24 9.38 -2.14
N VAL A 60 -14.38 9.16 -2.79
CA VAL A 60 -14.45 9.20 -4.25
C VAL A 60 -15.59 10.15 -4.72
N PRO A 61 -15.46 10.72 -5.93
CA PRO A 61 -16.53 11.67 -6.37
C PRO A 61 -17.91 11.00 -6.56
N ARG A 62 -17.92 9.73 -6.94
CA ARG A 62 -19.14 8.98 -7.19
C ARG A 62 -18.73 7.51 -7.23
N LYS A 63 -19.62 6.61 -6.80
CA LYS A 63 -19.35 5.20 -7.03
C LYS A 63 -19.29 4.97 -8.53
N GLY A 64 -18.28 4.23 -8.99
CA GLY A 64 -18.15 3.94 -10.40
C GLY A 64 -17.67 5.11 -11.26
N ALA A 65 -17.13 6.16 -10.64
CA ALA A 65 -16.65 7.34 -11.41
C ALA A 65 -15.60 6.95 -12.45
N THR A 66 -15.70 7.54 -13.65
CA THR A 66 -14.73 7.32 -14.72
C THR A 66 -13.43 8.08 -14.41
N ALA A 67 -12.35 7.74 -15.11
CA ALA A 67 -11.10 8.49 -15.01
C ALA A 67 -11.35 9.98 -15.25
N LYS A 68 -12.16 10.30 -16.26
CA LYS A 68 -12.42 11.73 -16.55
C LYS A 68 -13.16 12.43 -15.40
N GLU A 69 -14.09 11.73 -14.74
CA GLU A 69 -14.75 12.30 -13.54
C GLU A 69 -13.73 12.67 -12.45
N TRP A 70 -12.74 11.80 -12.24
CA TRP A 70 -11.69 12.11 -11.29
C TRP A 70 -10.89 13.31 -11.76
N GLN A 71 -10.53 13.33 -13.05
CA GLN A 71 -9.75 14.44 -13.58
C GLN A 71 -10.50 15.76 -13.41
N ASP A 72 -11.80 15.74 -13.68
CA ASP A 72 -12.62 16.97 -13.56
C ASP A 72 -12.69 17.43 -12.11
N MET A 73 -12.77 16.49 -11.18
CA MET A 73 -12.78 16.83 -9.76
C MET A 73 -11.47 17.50 -9.35
N VAL A 74 -10.34 16.86 -9.68
CA VAL A 74 -9.03 17.36 -9.28
C VAL A 74 -8.78 18.73 -9.95
N ASP A 75 -9.09 18.84 -11.25
CA ASP A 75 -8.92 20.13 -11.95
C ASP A 75 -9.76 21.26 -11.34
N GLY A 76 -10.98 20.95 -10.89
CA GLY A 76 -11.86 21.93 -10.21
C GLY A 76 -11.21 22.52 -8.95
N PHE A 77 -10.62 21.63 -8.16
CA PHE A 77 -9.87 22.05 -7.00
C PHE A 77 -8.65 22.87 -7.42
N GLN A 78 -7.94 22.41 -8.45
CA GLN A 78 -6.73 23.07 -8.90
C GLN A 78 -7.04 24.49 -9.38
N LYS A 79 -8.16 24.64 -10.08
CA LYS A 79 -8.53 25.96 -10.63
C LYS A 79 -8.69 26.98 -9.48
N ALA A 80 -9.26 26.53 -8.36
CA ALA A 80 -9.43 27.39 -7.18
C ALA A 80 -8.05 27.79 -6.62
N CYS A 81 -7.15 26.81 -6.46
CA CYS A 81 -5.83 27.10 -5.95
C CYS A 81 -5.04 28.03 -6.89
N MET A 82 -5.17 27.81 -8.19
CA MET A 82 -4.44 28.62 -9.16
C MET A 82 -4.94 30.06 -9.22
N SER A 83 -6.14 30.28 -8.68
CA SER A 83 -6.78 31.63 -8.65
C SER A 83 -6.37 32.51 -7.46
N THR A 84 -5.55 31.97 -6.56
CA THR A 84 -4.96 32.77 -5.48
C THR A 84 -3.98 33.82 -6.02
N ARG A 85 -3.63 34.77 -5.16
CA ARG A 85 -2.69 35.83 -5.50
C ARG A 85 -1.38 35.30 -6.12
N LEU A 86 -0.83 34.26 -5.51
CA LEU A 86 0.44 33.68 -5.95
C LEU A 86 0.27 32.51 -6.92
N GLY A 87 -0.95 31.94 -6.98
CA GLY A 87 -1.26 30.85 -7.91
C GLY A 87 -0.41 29.62 -7.68
N ILE A 88 -0.22 29.25 -6.42
CA ILE A 88 0.55 28.05 -6.10
C ILE A 88 -0.36 26.83 -6.28
N PRO A 89 0.01 25.91 -7.21
CA PRO A 89 -0.87 24.75 -7.44
C PRO A 89 -0.87 23.81 -6.23
N MET A 90 -2.03 23.21 -5.96
CA MET A 90 -2.12 22.17 -4.92
C MET A 90 -1.59 20.84 -5.46
N ILE A 91 -1.13 20.00 -4.55
CA ILE A 91 -0.79 18.60 -4.87
C ILE A 91 -1.90 17.72 -4.26
N TYR A 92 -2.37 16.74 -5.04
CA TYR A 92 -3.48 15.88 -4.60
C TYR A 92 -2.92 14.50 -4.32
N GLY A 93 -3.11 14.01 -3.10
CA GLY A 93 -2.58 12.70 -2.68
C GLY A 93 -3.67 11.64 -2.52
N ILE A 94 -3.28 10.37 -2.65
CA ILE A 94 -4.21 9.28 -2.47
C ILE A 94 -3.43 8.00 -2.12
N ASP A 95 -4.09 7.08 -1.42
CA ASP A 95 -3.49 5.75 -1.16
C ASP A 95 -3.62 4.89 -2.41
N ALA A 96 -2.63 4.99 -3.28
CA ALA A 96 -2.50 4.08 -4.42
C ALA A 96 -1.41 3.12 -3.99
N VAL A 97 -1.83 2.07 -3.27
CA VAL A 97 -0.88 1.19 -2.60
C VAL A 97 -0.83 -0.23 -3.17
N HIS A 98 -1.76 -0.57 -4.07
CA HIS A 98 -1.61 -1.78 -4.89
C HIS A 98 -2.37 -1.56 -6.20
N GLY A 99 -1.84 -0.62 -6.98
CA GLY A 99 -2.62 0.01 -8.03
C GLY A 99 -3.31 1.27 -7.49
N GLN A 100 -4.06 1.92 -8.37
CA GLN A 100 -4.84 3.12 -8.02
C GLN A 100 -6.18 2.65 -7.38
N ASN A 101 -6.06 2.07 -6.18
CA ASN A 101 -7.05 1.12 -5.70
C ASN A 101 -8.42 1.68 -5.25
N ASN A 102 -8.53 3.00 -5.04
CA ASN A 102 -9.84 3.59 -4.70
C ASN A 102 -10.74 3.69 -5.94
N VAL A 103 -10.13 3.53 -7.10
CA VAL A 103 -10.81 3.90 -8.37
C VAL A 103 -11.43 2.69 -9.07
N TYR A 104 -12.69 2.83 -9.47
CA TYR A 104 -13.40 1.77 -10.16
C TYR A 104 -12.69 1.47 -11.48
N GLY A 105 -12.42 0.20 -11.74
CA GLY A 105 -11.77 -0.17 -13.00
C GLY A 105 -10.26 -0.03 -13.01
N ALA A 106 -9.66 0.44 -11.90
CA ALA A 106 -8.21 0.45 -11.82
C ALA A 106 -7.65 -0.97 -11.67
N THR A 107 -6.51 -1.22 -12.29
CA THR A 107 -5.82 -2.51 -12.11
C THR A 107 -5.47 -2.66 -10.63
N ILE A 108 -5.80 -3.81 -10.04
CA ILE A 108 -5.45 -4.03 -8.62
C ILE A 108 -4.33 -5.08 -8.57
N PHE A 109 -3.17 -4.64 -8.12
CA PHE A 109 -2.00 -5.51 -8.00
C PHE A 109 -2.01 -6.30 -6.68
N PRO A 110 -1.21 -7.39 -6.59
CA PRO A 110 -1.08 -8.08 -5.31
C PRO A 110 -0.62 -7.14 -4.22
N HIS A 111 -1.12 -7.32 -2.99
CA HIS A 111 -0.59 -6.55 -1.87
C HIS A 111 0.89 -6.86 -1.58
N ASN A 112 1.53 -5.98 -0.79
CA ASN A 112 2.98 -6.04 -0.58
C ASN A 112 3.51 -7.40 -0.13
N VAL A 113 2.82 -8.07 0.80
CA VAL A 113 3.34 -9.37 1.30
C VAL A 113 3.59 -10.35 0.14
N GLY A 114 2.65 -10.42 -0.81
CA GLY A 114 2.83 -11.28 -2.00
C GLY A 114 3.93 -10.79 -2.91
N LEU A 115 4.06 -9.47 -3.05
CA LEU A 115 5.18 -8.94 -3.81
C LEU A 115 6.51 -9.37 -3.18
N GLY A 116 6.57 -9.38 -1.84
CA GLY A 116 7.78 -9.86 -1.15
C GLY A 116 8.09 -11.30 -1.53
N ALA A 117 7.05 -12.11 -1.67
CA ALA A 117 7.22 -13.54 -2.05
C ALA A 117 7.88 -13.71 -3.43
N THR A 118 7.76 -12.70 -4.29
CA THR A 118 8.30 -12.81 -5.63
C THR A 118 9.81 -12.67 -5.68
N ARG A 119 10.40 -12.06 -4.65
CA ARG A 119 11.83 -11.69 -4.64
C ARG A 119 12.27 -11.01 -5.95
N ASP A 120 11.39 -10.20 -6.54
CA ASP A 120 11.64 -9.63 -7.86
C ASP A 120 11.50 -8.09 -7.85
N PRO A 121 12.55 -7.38 -7.42
CA PRO A 121 12.47 -5.91 -7.36
C PRO A 121 12.13 -5.23 -8.71
N TYR A 122 12.57 -5.81 -9.82
CA TYR A 122 12.27 -5.22 -11.12
C TYR A 122 10.79 -5.32 -11.45
N LEU A 123 10.17 -6.44 -11.07
CA LEU A 123 8.71 -6.58 -11.18
C LEU A 123 8.03 -5.45 -10.41
N VAL A 124 8.49 -5.23 -9.17
CA VAL A 124 7.89 -4.19 -8.32
C VAL A 124 8.12 -2.79 -8.96
N LYS A 125 9.29 -2.57 -9.53
CA LYS A 125 9.54 -1.29 -10.24
C LYS A 125 8.50 -1.11 -11.34
N ARG A 126 8.28 -2.16 -12.14
CA ARG A 126 7.32 -2.07 -13.23
C ARG A 126 5.89 -1.84 -12.71
N ILE A 127 5.57 -2.44 -11.57
CA ILE A 127 4.28 -2.16 -10.90
C ILE A 127 4.20 -0.67 -10.52
N GLY A 128 5.28 -0.10 -9.96
CA GLY A 128 5.35 1.35 -9.68
C GLY A 128 5.08 2.17 -10.94
N GLU A 129 5.72 1.78 -12.04
CA GLU A 129 5.51 2.46 -13.34
C GLU A 129 4.05 2.45 -13.79
N ALA A 130 3.42 1.28 -13.72
CA ALA A 130 2.03 1.12 -14.14
C ALA A 130 1.11 1.91 -13.20
N THR A 131 1.43 1.87 -11.92
CA THR A 131 0.62 2.55 -10.91
C THR A 131 0.66 4.06 -11.14
N ALA A 132 1.85 4.61 -11.40
CA ALA A 132 1.97 6.07 -11.69
C ALA A 132 1.05 6.46 -12.84
N LEU A 133 0.99 5.62 -13.88
CA LEU A 133 0.16 5.92 -15.06
C LEU A 133 -1.32 5.92 -14.72
N GLU A 134 -1.74 4.94 -13.90
CA GLU A 134 -3.15 4.84 -13.54
C GLU A 134 -3.55 5.93 -12.55
N VAL A 135 -2.61 6.37 -11.70
CA VAL A 135 -2.86 7.51 -10.81
C VAL A 135 -2.97 8.80 -11.63
N ARG A 136 -2.03 9.03 -12.55
CA ARG A 136 -2.12 10.20 -13.47
C ARG A 136 -3.37 10.15 -14.39
N ALA A 137 -3.85 8.95 -14.71
CA ALA A 137 -5.10 8.80 -15.48
C ALA A 137 -6.28 9.50 -14.80
N THR A 138 -6.21 9.59 -13.46
CA THR A 138 -7.25 10.16 -12.64
C THR A 138 -6.92 11.61 -12.21
N GLY A 139 -5.84 12.16 -12.74
CA GLY A 139 -5.44 13.56 -12.46
C GLY A 139 -4.67 13.75 -11.15
N ILE A 140 -4.38 12.65 -10.47
CA ILE A 140 -3.74 12.73 -9.17
C ILE A 140 -2.21 12.65 -9.32
N GLN A 141 -1.50 13.41 -8.49
CA GLN A 141 -0.06 13.61 -8.68
C GLN A 141 0.83 13.00 -7.61
N TYR A 142 0.22 12.36 -6.60
CA TYR A 142 0.94 11.99 -5.37
C TYR A 142 0.33 10.72 -4.78
N ALA A 143 1.16 9.68 -4.64
CA ALA A 143 0.72 8.38 -4.08
C ALA A 143 1.37 8.16 -2.70
N PHE A 144 0.56 7.75 -1.72
CA PHE A 144 1.07 7.48 -0.37
C PHE A 144 1.67 6.07 -0.31
N ALA A 145 2.76 5.86 -1.03
CA ALA A 145 3.40 4.54 -1.16
C ALA A 145 4.85 4.75 -1.55
N PRO A 146 5.75 3.82 -1.19
CA PRO A 146 5.50 2.53 -0.54
C PRO A 146 5.44 2.54 0.99
N CYS A 147 4.62 1.65 1.53
CA CYS A 147 4.77 1.24 2.92
C CYS A 147 6.03 0.38 3.00
N ILE A 148 7.04 0.90 3.71
CA ILE A 148 8.28 0.16 3.96
C ILE A 148 8.40 -0.31 5.41
N ALA A 149 7.25 -0.53 6.06
CA ALA A 149 7.19 -1.20 7.36
C ALA A 149 7.84 -2.57 7.23
N VAL A 150 8.56 -2.97 8.27
CA VAL A 150 9.09 -4.33 8.39
C VAL A 150 8.23 -4.98 9.48
N CYS A 151 7.21 -5.73 9.06
CA CYS A 151 6.25 -6.29 10.03
C CYS A 151 6.89 -7.45 10.78
N ARG A 152 6.98 -7.31 12.10
CA ARG A 152 7.68 -8.29 12.93
C ARG A 152 6.73 -9.19 13.71
N ASP A 153 5.44 -9.01 13.47
CA ASP A 153 4.38 -9.76 14.14
C ASP A 153 3.11 -9.76 13.27
N PRO A 154 2.75 -10.94 12.71
CA PRO A 154 1.63 -11.00 11.76
C PRO A 154 0.27 -10.77 12.41
N ARG A 155 0.23 -10.63 13.75
CA ARG A 155 -1.02 -10.22 14.41
C ARG A 155 -1.43 -8.77 14.03
N TRP A 156 -0.49 -8.01 13.47
CA TRP A 156 -0.74 -6.64 13.00
C TRP A 156 -1.67 -6.61 11.79
N GLY A 157 -2.69 -5.75 11.86
CA GLY A 157 -3.65 -5.60 10.76
C GLY A 157 -3.06 -5.07 9.46
N ARG A 158 -1.84 -4.53 9.51
CA ARG A 158 -1.17 -4.01 8.31
C ARG A 158 -0.05 -4.92 7.86
N CYS A 159 0.01 -6.15 8.38
CA CYS A 159 1.10 -7.04 7.98
C CYS A 159 1.14 -7.22 6.44
N TYR A 160 -0.04 -7.26 5.80
CA TYR A 160 -0.04 -7.43 4.34
C TYR A 160 0.57 -6.24 3.56
N GLU A 161 0.65 -5.08 4.21
CA GLU A 161 1.25 -3.88 3.63
C GLU A 161 2.78 -3.85 3.71
N SER A 162 3.34 -4.85 4.41
CA SER A 162 4.78 -4.99 4.54
C SER A 162 5.29 -6.07 3.59
N TYR A 163 6.35 -5.79 2.84
CA TYR A 163 6.89 -6.80 1.91
C TYR A 163 7.46 -8.02 2.65
N SER A 164 7.94 -7.83 3.89
CA SER A 164 8.65 -8.93 4.57
C SER A 164 8.96 -8.58 6.01
N GLU A 165 9.18 -9.62 6.81
CA GLU A 165 9.72 -9.46 8.18
C GLU A 165 11.22 -9.23 8.11
N ASP A 166 11.80 -9.50 6.93
CA ASP A 166 13.24 -9.35 6.67
C ASP A 166 13.50 -8.00 6.01
N ARG A 167 14.15 -7.10 6.76
CA ARG A 167 14.48 -5.77 6.21
C ARG A 167 15.22 -5.78 4.87
N ARG A 168 16.05 -6.81 4.62
CA ARG A 168 16.74 -6.92 3.34
C ARG A 168 15.77 -7.03 2.16
N ILE A 169 14.67 -7.76 2.37
CA ILE A 169 13.68 -7.87 1.31
C ILE A 169 12.96 -6.52 1.12
N VAL A 170 12.60 -5.89 2.24
CA VAL A 170 11.96 -4.56 2.19
C VAL A 170 12.87 -3.56 1.46
N GLN A 171 14.16 -3.56 1.81
CA GLN A 171 15.12 -2.70 1.12
C GLN A 171 15.11 -2.94 -0.39
N SER A 172 15.14 -4.20 -0.80
CA SER A 172 15.14 -4.50 -2.23
C SER A 172 13.90 -3.93 -2.94
N MET A 173 12.76 -3.92 -2.25
CA MET A 173 11.47 -3.56 -2.87
C MET A 173 11.23 -2.04 -2.91
N THR A 174 12.17 -1.29 -2.34
CA THR A 174 12.18 0.18 -2.52
C THR A 174 12.28 0.61 -3.98
N GLU A 175 12.56 -0.35 -4.88
CA GLU A 175 12.45 -0.13 -6.32
C GLU A 175 11.07 0.40 -6.76
N LEU A 176 10.05 0.22 -5.91
CA LEU A 176 8.74 0.82 -6.24
C LEU A 176 8.91 2.31 -6.49
N ILE A 177 9.82 2.93 -5.73
CA ILE A 177 9.99 4.41 -5.72
C ILE A 177 10.37 4.96 -7.11
N PRO A 178 11.50 4.50 -7.71
CA PRO A 178 11.80 4.96 -9.07
C PRO A 178 10.80 4.49 -10.12
N GLY A 179 10.02 3.45 -9.82
CA GLY A 179 8.90 3.09 -10.69
C GLY A 179 7.85 4.21 -10.69
N LEU A 180 7.42 4.61 -9.50
CA LEU A 180 6.39 5.65 -9.35
C LEU A 180 6.87 7.03 -9.84
N GLN A 181 8.11 7.36 -9.48
CA GLN A 181 8.67 8.73 -9.67
C GLN A 181 9.52 8.90 -10.92
N GLY A 182 10.07 7.80 -11.43
CA GLY A 182 11.14 7.88 -12.45
C GLY A 182 12.52 7.67 -11.82
N ASP A 183 13.47 7.19 -12.62
CA ASP A 183 14.83 6.98 -12.12
C ASP A 183 15.52 8.32 -11.90
N VAL A 184 16.32 8.40 -10.84
CA VAL A 184 17.06 9.62 -10.55
C VAL A 184 18.26 9.74 -11.50
N PRO A 185 18.72 10.99 -11.76
CA PRO A 185 19.91 11.22 -12.60
C PRO A 185 21.20 10.63 -12.03
N LYS A 186 22.21 10.47 -12.89
CA LYS A 186 23.53 9.97 -12.44
C LYS A 186 24.15 10.87 -11.37
N ASP A 187 23.91 12.17 -11.47
CA ASP A 187 24.46 13.16 -10.53
C ASP A 187 23.88 13.08 -9.11
N PHE A 188 22.80 12.32 -8.94
CA PHE A 188 21.86 12.52 -7.83
C PHE A 188 22.39 12.47 -6.39
N THR A 189 22.02 13.48 -5.60
CA THR A 189 22.37 13.53 -4.19
C THR A 189 21.31 12.86 -3.31
N SER A 190 21.71 11.80 -2.60
CA SER A 190 20.82 11.09 -1.68
C SER A 190 20.06 12.04 -0.74
N GLY A 191 18.73 11.87 -0.69
CA GLY A 191 17.89 12.69 0.20
C GLY A 191 17.14 13.78 -0.53
N MET A 192 17.59 14.14 -1.73
CA MET A 192 16.85 15.09 -2.56
C MET A 192 15.56 14.47 -3.10
N PRO A 193 14.48 15.26 -3.21
CA PRO A 193 13.26 14.72 -3.83
C PRO A 193 13.41 14.65 -5.36
N PHE A 194 12.67 13.75 -5.99
CA PHE A 194 12.72 13.63 -7.44
C PHE A 194 11.37 13.10 -7.96
N VAL A 195 10.87 13.73 -9.02
CA VAL A 195 9.79 13.18 -9.86
C VAL A 195 10.10 13.61 -11.29
N ALA A 196 10.04 12.66 -12.23
CA ALA A 196 10.51 12.93 -13.59
C ALA A 196 9.69 13.94 -14.39
N GLY A 197 8.42 14.09 -14.05
CA GLY A 197 7.51 14.92 -14.82
C GLY A 197 6.07 14.46 -14.73
N LYS A 198 5.27 14.90 -15.70
CA LYS A 198 3.81 14.84 -15.59
C LYS A 198 3.24 13.42 -15.76
N ASN A 199 4.07 12.49 -16.21
CA ASN A 199 3.63 11.10 -16.34
C ASN A 199 4.04 10.25 -15.13
N LYS A 200 4.65 10.89 -14.13
CA LYS A 200 5.07 10.21 -12.90
C LYS A 200 4.37 10.87 -11.70
N VAL A 201 4.51 10.26 -10.53
CA VAL A 201 3.89 10.80 -9.33
C VAL A 201 4.93 10.94 -8.21
N ALA A 202 4.68 11.86 -7.28
CA ALA A 202 5.43 11.89 -6.03
C ALA A 202 5.11 10.63 -5.21
N ALA A 203 6.14 10.03 -4.62
CA ALA A 203 6.00 8.88 -3.74
C ALA A 203 6.15 9.29 -2.28
N CYS A 204 5.94 8.31 -1.40
CA CYS A 204 5.92 8.56 0.04
C CYS A 204 6.38 7.30 0.78
N ALA A 205 7.58 7.35 1.36
CA ALA A 205 8.04 6.25 2.19
C ALA A 205 7.33 6.37 3.54
N LYS A 206 6.65 5.29 3.96
CA LYS A 206 5.88 5.32 5.19
C LYS A 206 5.93 3.97 5.95
N HIS A 207 5.63 3.96 7.25
CA HIS A 207 5.38 5.15 8.09
C HIS A 207 6.57 5.25 9.05
N PHE A 208 7.20 6.42 9.08
CA PHE A 208 8.48 6.60 9.76
C PHE A 208 8.25 6.75 11.27
N VAL A 209 8.84 5.91 12.12
CA VAL A 209 9.62 4.70 11.79
C VAL A 209 9.24 3.63 12.83
N GLY A 210 9.36 2.35 12.46
CA GLY A 210 9.07 1.23 13.39
C GLY A 210 7.59 0.89 13.48
N ASP A 211 6.83 1.27 12.45
CA ASP A 211 5.40 0.93 12.43
C ASP A 211 5.14 -0.58 12.48
N GLY A 212 6.09 -1.35 11.96
CA GLY A 212 5.99 -2.82 11.94
C GLY A 212 6.54 -3.51 13.18
N GLY A 213 6.93 -2.74 14.18
CA GLY A 213 7.59 -3.30 15.39
C GLY A 213 6.78 -3.18 16.67
N THR A 214 5.49 -2.88 16.56
CA THR A 214 4.71 -2.61 17.75
C THR A 214 4.41 -3.88 18.58
N VAL A 215 4.31 -3.71 19.89
CA VAL A 215 4.00 -4.82 20.82
C VAL A 215 2.77 -5.62 20.39
N ASP A 216 2.95 -6.94 20.21
CA ASP A 216 1.88 -7.88 19.86
C ASP A 216 1.19 -7.50 18.54
N GLY A 217 1.91 -6.73 17.71
CA GLY A 217 1.34 -6.23 16.45
C GLY A 217 0.13 -5.32 16.64
N ILE A 218 0.01 -4.68 17.80
CA ILE A 218 -1.11 -3.76 18.04
C ILE A 218 -0.91 -2.51 17.18
N ASN A 219 -1.86 -2.25 16.29
CA ASN A 219 -1.72 -1.15 15.33
C ASN A 219 -1.63 0.20 16.07
N GLU A 220 -0.70 1.05 15.65
CA GLU A 220 -0.53 2.41 16.20
C GLU A 220 0.09 2.41 17.60
N ASN A 221 0.57 1.25 18.05
CA ASN A 221 0.97 1.10 19.46
C ASN A 221 2.46 1.42 19.69
N ASN A 222 3.06 0.81 20.72
CA ASN A 222 4.42 1.13 21.12
C ASN A 222 5.43 0.13 20.56
N THR A 223 6.47 0.64 19.92
CA THR A 223 7.56 -0.18 19.43
C THR A 223 8.70 -0.10 20.47
N ILE A 224 8.88 -1.21 21.20
CA ILE A 224 9.86 -1.26 22.30
C ILE A 224 11.09 -2.02 21.83
N ILE A 225 12.15 -1.27 21.51
CA ILE A 225 13.39 -1.80 20.94
C ILE A 225 14.48 -0.76 21.17
N ASN A 226 15.71 -1.20 21.43
CA ASN A 226 16.82 -0.26 21.56
C ASN A 226 17.18 0.39 20.23
N ARG A 227 17.98 1.46 20.29
CA ARG A 227 18.37 2.18 19.07
C ARG A 227 19.04 1.26 18.06
N GLU A 228 19.90 0.35 18.54
CA GLU A 228 20.59 -0.58 17.65
C GLU A 228 19.57 -1.39 16.83
N GLY A 229 18.52 -1.89 17.49
CA GLY A 229 17.47 -2.66 16.83
C GLY A 229 16.66 -1.83 15.86
N LEU A 230 16.29 -0.62 16.29
CA LEU A 230 15.56 0.29 15.41
C LEU A 230 16.36 0.55 14.13
N MET A 231 17.66 0.81 14.29
CA MET A 231 18.50 1.14 13.15
C MET A 231 18.83 -0.07 12.27
N ASN A 232 18.79 -1.27 12.85
CA ASN A 232 19.17 -2.49 12.15
C ASN A 232 17.99 -3.13 11.41
N ILE A 233 16.79 -2.88 11.92
CA ILE A 233 15.59 -3.55 11.39
C ILE A 233 14.69 -2.55 10.68
N HIS A 234 14.31 -1.49 11.38
CA HIS A 234 13.19 -0.64 10.95
C HIS A 234 13.59 0.56 10.09
N MET A 235 14.86 0.97 10.25
CA MET A 235 15.41 2.13 9.56
C MET A 235 16.04 1.91 8.17
N PRO A 236 16.76 0.78 7.94
CA PRO A 236 17.54 0.69 6.68
C PRO A 236 16.84 1.07 5.38
N ALA A 237 15.60 0.63 5.20
CA ALA A 237 14.92 0.89 3.93
C ALA A 237 14.67 2.40 3.71
N TYR A 238 14.60 3.18 4.80
CA TYR A 238 14.52 4.65 4.65
C TYR A 238 15.77 5.22 3.98
N LYS A 239 16.93 4.64 4.28
CA LYS A 239 18.15 5.06 3.59
C LYS A 239 18.12 4.74 2.08
N ASN A 240 17.64 3.55 1.71
CA ASN A 240 17.48 3.24 0.29
C ASN A 240 16.50 4.22 -0.38
N ALA A 241 15.45 4.59 0.36
CA ALA A 241 14.45 5.53 -0.15
C ALA A 241 15.10 6.90 -0.44
N MET A 242 15.96 7.35 0.47
CA MET A 242 16.72 8.61 0.27
C MET A 242 17.58 8.51 -1.00
N ASP A 243 18.25 7.35 -1.15
CA ASP A 243 19.13 7.14 -2.28
C ASP A 243 18.38 7.16 -3.61
N LYS A 244 17.08 6.82 -3.55
CA LYS A 244 16.24 6.76 -4.73
C LYS A 244 15.37 8.02 -4.93
N GLY A 245 15.60 9.03 -4.08
CA GLY A 245 14.96 10.32 -4.26
C GLY A 245 13.48 10.37 -3.88
N VAL A 246 13.07 9.54 -2.92
CA VAL A 246 11.66 9.60 -2.47
C VAL A 246 11.27 11.07 -2.11
N SER A 247 10.12 11.52 -2.58
CA SER A 247 9.76 12.96 -2.49
C SER A 247 9.24 13.36 -1.11
N THR A 248 8.57 12.41 -0.47
CA THR A 248 7.98 12.65 0.84
C THR A 248 8.15 11.45 1.78
N VAL A 249 7.98 11.73 3.06
CA VAL A 249 7.99 10.71 4.10
C VAL A 249 6.79 10.97 5.02
N MET A 250 5.99 9.94 5.29
CA MET A 250 4.88 10.06 6.23
C MET A 250 5.24 9.48 7.59
N ILE A 251 4.89 10.22 8.63
CA ILE A 251 5.18 9.82 10.01
C ILE A 251 4.17 8.78 10.53
N SER A 252 4.67 7.85 11.34
CA SER A 252 3.86 6.78 11.93
C SER A 252 3.02 7.22 13.13
N TYR A 253 1.83 6.63 13.26
CA TYR A 253 1.03 6.79 14.49
C TYR A 253 1.76 6.20 15.70
N SER A 254 2.63 5.22 15.44
CA SER A 254 3.24 4.45 16.52
C SER A 254 4.21 5.28 17.36
N SER A 255 4.63 4.69 18.47
CA SER A 255 5.59 5.32 19.37
C SER A 255 6.86 4.47 19.37
N TRP A 256 7.98 5.08 19.74
CA TRP A 256 9.21 4.34 19.93
C TRP A 256 9.61 4.52 21.39
N ASN A 257 9.60 3.43 22.15
CA ASN A 257 9.92 3.46 23.57
C ASN A 257 9.08 4.53 24.29
N GLY A 258 7.80 4.59 23.94
CA GLY A 258 6.82 5.47 24.56
C GLY A 258 6.75 6.90 24.06
N VAL A 259 7.62 7.26 23.11
CA VAL A 259 7.59 8.61 22.52
C VAL A 259 6.85 8.55 21.18
N LYS A 260 5.76 9.31 21.09
CA LYS A 260 5.00 9.41 19.83
C LYS A 260 5.90 9.87 18.67
N MET A 261 5.87 9.13 17.56
CA MET A 261 6.63 9.54 16.38
C MET A 261 6.27 10.95 15.90
N HIS A 262 4.99 11.31 15.98
CA HIS A 262 4.53 12.63 15.53
C HIS A 262 5.05 13.78 16.41
N ALA A 263 5.67 13.44 17.54
CA ALA A 263 6.27 14.43 18.47
C ALA A 263 7.79 14.26 18.65
N ASN A 264 8.40 13.41 17.84
CA ASN A 264 9.80 13.04 18.04
C ASN A 264 10.77 13.85 17.23
N GLN A 265 11.22 14.97 17.81
CA GLN A 265 12.16 15.85 17.14
C GLN A 265 13.49 15.17 16.85
N ASP A 266 13.95 14.32 17.77
CA ASP A 266 15.23 13.64 17.61
C ASP A 266 15.25 12.80 16.33
N LEU A 267 14.17 12.06 16.08
CA LEU A 267 14.12 11.20 14.91
C LEU A 267 13.71 11.95 13.64
N VAL A 268 12.71 12.82 13.72
CA VAL A 268 12.22 13.49 12.50
C VAL A 268 13.21 14.56 12.03
N THR A 269 13.65 15.41 12.96
CA THR A 269 14.61 16.45 12.60
C THR A 269 16.06 15.97 12.72
N GLY A 270 16.42 15.42 13.88
CA GLY A 270 17.81 14.99 14.13
C GLY A 270 18.31 13.92 13.17
N TYR A 271 17.45 12.94 12.91
CA TYR A 271 17.87 11.82 12.06
C TYR A 271 17.45 11.96 10.60
N LEU A 272 16.14 12.01 10.35
CA LEU A 272 15.66 12.01 8.99
C LEU A 272 16.19 13.23 8.22
N LYS A 273 15.98 14.42 8.78
CA LYS A 273 16.41 15.62 8.09
C LYS A 273 17.92 15.86 8.22
N ASP A 274 18.44 15.80 9.43
CA ASP A 274 19.82 16.24 9.69
C ASP A 274 20.91 15.20 9.47
N THR A 275 20.55 13.92 9.54
CA THR A 275 21.53 12.83 9.38
C THR A 275 21.39 12.19 7.99
N LEU A 276 20.17 11.81 7.63
CA LEU A 276 19.89 11.27 6.29
C LEU A 276 19.83 12.33 5.19
N LYS A 277 19.82 13.61 5.61
CA LYS A 277 19.81 14.76 4.68
C LYS A 277 18.55 14.75 3.80
N PHE A 278 17.44 14.30 4.36
CA PHE A 278 16.19 14.32 3.61
C PHE A 278 15.79 15.76 3.33
N LYS A 279 15.60 16.07 2.04
CA LYS A 279 15.22 17.43 1.59
C LYS A 279 13.81 17.52 0.97
N GLY A 280 13.06 16.42 0.97
CA GLY A 280 11.66 16.51 0.54
C GLY A 280 10.82 16.97 1.73
N PHE A 281 9.52 16.75 1.67
CA PHE A 281 8.67 17.11 2.80
C PHE A 281 8.15 15.93 3.61
N VAL A 282 7.97 16.21 4.90
CA VAL A 282 7.51 15.24 5.87
C VAL A 282 6.03 15.54 6.14
N ILE A 283 5.19 14.51 5.94
CA ILE A 283 3.76 14.68 6.13
C ILE A 283 3.28 13.85 7.33
N SER A 284 2.31 14.38 8.08
CA SER A 284 1.66 13.61 9.15
C SER A 284 0.82 12.47 8.56
N ASP A 285 0.44 11.53 9.42
CA ASP A 285 -0.61 10.59 9.07
C ASP A 285 -1.96 11.27 9.40
N TRP A 286 -3.06 10.59 9.09
CA TRP A 286 -4.42 11.11 9.16
C TRP A 286 -4.82 11.35 10.62
N GLU A 287 -4.95 12.61 11.00
CA GLU A 287 -5.19 12.97 12.42
C GLU A 287 -4.05 12.45 13.31
N GLY A 288 -2.88 12.29 12.71
CA GLY A 288 -1.71 11.80 13.45
C GLY A 288 -1.32 12.73 14.60
N ILE A 289 -1.38 14.06 14.36
CA ILE A 289 -1.03 14.98 15.44
C ILE A 289 -2.06 14.94 16.57
N ASP A 290 -3.33 14.72 16.24
CA ASP A 290 -4.42 14.58 17.24
C ASP A 290 -4.11 13.44 18.20
N ARG A 291 -3.54 12.37 17.63
CA ARG A 291 -3.34 11.12 18.37
C ARG A 291 -2.08 11.12 19.23
N ILE A 292 -1.38 12.25 19.26
CA ILE A 292 -0.25 12.43 20.18
C ILE A 292 -0.75 12.35 21.62
N THR A 293 -1.96 12.89 21.84
CA THR A 293 -2.55 12.96 23.18
C THR A 293 -3.51 11.81 23.45
N THR A 294 -3.79 11.55 24.73
CA THR A 294 -4.85 10.63 25.14
C THR A 294 -5.78 11.39 26.08
N PRO A 295 -7.08 11.49 25.73
CA PRO A 295 -7.68 11.00 24.49
C PRO A 295 -7.15 11.77 23.27
N ALA A 296 -7.28 11.19 22.09
CA ALA A 296 -6.87 11.88 20.87
C ALA A 296 -7.66 13.18 20.74
N GLY A 297 -6.95 14.25 20.38
CA GLY A 297 -7.57 15.53 20.07
C GLY A 297 -7.96 16.35 21.29
N SER A 298 -7.56 15.91 22.48
CA SER A 298 -7.95 16.59 23.72
C SER A 298 -7.09 17.82 24.04
N ASP A 299 -6.01 18.01 23.29
CA ASP A 299 -5.19 19.21 23.42
C ASP A 299 -4.57 19.54 22.07
N TYR A 300 -5.42 20.02 21.18
CA TYR A 300 -4.99 20.22 19.80
C TYR A 300 -3.93 21.31 19.70
N SER A 301 -4.00 22.30 20.58
CA SER A 301 -2.94 23.30 20.62
C SER A 301 -1.58 22.64 20.87
N TYR A 302 -1.52 21.72 21.82
CA TYR A 302 -0.28 20.97 22.07
C TYR A 302 0.11 20.12 20.86
N SER A 303 -0.87 19.44 20.26
CA SER A 303 -0.63 18.61 19.05
C SER A 303 0.09 19.41 17.96
N VAL A 304 -0.38 20.65 17.71
CA VAL A 304 0.22 21.50 16.67
C VAL A 304 1.63 21.91 17.05
N LYS A 305 1.80 22.39 18.28
CA LYS A 305 3.12 22.76 18.74
C LYS A 305 4.13 21.59 18.67
N ALA A 306 3.75 20.45 19.24
CA ALA A 306 4.64 19.29 19.32
C ALA A 306 5.07 18.80 17.95
N SER A 307 4.10 18.67 17.05
CA SER A 307 4.36 18.11 15.72
C SER A 307 5.19 19.07 14.83
N ILE A 308 4.84 20.35 14.84
CA ILE A 308 5.55 21.31 14.00
C ILE A 308 6.98 21.52 14.54
N LEU A 309 7.13 21.62 15.87
CA LEU A 309 8.47 21.70 16.45
C LEU A 309 9.30 20.42 16.23
N ALA A 310 8.64 19.26 16.17
CA ALA A 310 9.31 18.00 15.88
C ALA A 310 9.94 17.99 14.50
N GLY A 311 9.36 18.77 13.56
CA GLY A 311 9.91 18.87 12.22
C GLY A 311 8.96 18.48 11.08
N LEU A 312 7.69 18.21 11.41
CA LEU A 312 6.71 17.87 10.36
C LEU A 312 6.45 19.09 9.50
N ASP A 313 6.27 18.87 8.19
CA ASP A 313 6.13 19.99 7.25
C ASP A 313 4.71 20.21 6.77
N MET A 314 4.01 19.11 6.49
CA MET A 314 2.63 19.18 6.02
C MET A 314 1.75 18.33 6.94
N ILE A 315 0.60 18.88 7.31
CA ILE A 315 -0.32 18.19 8.20
C ILE A 315 -1.52 17.70 7.44
N MET A 316 -1.72 16.39 7.49
CA MET A 316 -2.93 15.77 6.96
C MET A 316 -4.00 15.95 8.05
N VAL A 317 -4.77 17.05 7.95
CA VAL A 317 -5.61 17.49 9.08
C VAL A 317 -6.64 16.42 9.53
N PRO A 318 -7.45 15.87 8.59
CA PRO A 318 -7.72 16.32 7.22
C PRO A 318 -9.01 17.16 7.14
N ASN A 319 -9.76 17.25 8.24
CA ASN A 319 -11.08 17.87 8.20
C ASN A 319 -11.15 19.26 8.83
N LYS A 320 -10.62 19.39 10.05
CA LYS A 320 -10.80 20.65 10.78
C LYS A 320 -9.67 21.64 10.49
N TYR A 321 -9.60 22.05 9.22
CA TYR A 321 -8.52 22.94 8.78
C TYR A 321 -8.61 24.31 9.45
N GLN A 322 -9.82 24.73 9.82
CA GLN A 322 -9.98 26.06 10.44
C GLN A 322 -9.23 26.06 11.75
N GLN A 323 -9.47 25.03 12.57
CA GLN A 323 -8.79 24.91 13.86
C GLN A 323 -7.29 24.81 13.69
N PHE A 324 -6.83 23.96 12.76
CA PHE A 324 -5.40 23.83 12.52
C PHE A 324 -4.75 25.17 12.16
N ILE A 325 -5.31 25.84 11.15
CA ILE A 325 -4.73 27.08 10.68
C ILE A 325 -4.75 28.15 11.77
N SER A 326 -5.86 28.23 12.49
CA SER A 326 -5.99 29.22 13.57
C SER A 326 -4.94 29.01 14.67
N ILE A 327 -4.80 27.75 15.11
CA ILE A 327 -3.87 27.43 16.18
C ILE A 327 -2.42 27.68 15.76
N LEU A 328 -2.06 27.20 14.56
CA LEU A 328 -0.72 27.40 14.09
C LEU A 328 -0.39 28.89 13.92
N THR A 329 -1.35 29.64 13.39
CA THR A 329 -1.15 31.09 13.21
C THR A 329 -0.90 31.73 14.59
N GLY A 330 -1.68 31.33 15.59
CA GLY A 330 -1.52 31.83 16.99
C GLY A 330 -0.14 31.52 17.54
N HIS A 331 0.34 30.30 17.33
CA HIS A 331 1.66 29.90 17.84
C HIS A 331 2.78 30.73 17.20
N VAL A 332 2.66 31.01 15.91
CA VAL A 332 3.67 31.80 15.23
C VAL A 332 3.62 33.26 15.71
N ASN A 333 2.42 33.81 15.80
CA ASN A 333 2.22 35.20 16.28
C ASN A 333 2.75 35.39 17.70
N GLY A 334 2.64 34.33 18.51
CA GLY A 334 3.11 34.33 19.89
C GLY A 334 4.56 33.93 20.11
N GLY A 335 5.27 33.67 19.01
CA GLY A 335 6.69 33.29 19.05
C GLY A 335 7.01 31.90 19.57
N VAL A 336 5.99 31.06 19.74
CA VAL A 336 6.15 29.68 20.24
C VAL A 336 6.75 28.78 19.16
N ILE A 337 6.40 29.07 17.90
CA ILE A 337 6.97 28.40 16.73
C ILE A 337 7.66 29.50 15.91
N PRO A 338 8.97 29.37 15.65
CA PRO A 338 9.70 30.42 14.95
C PRO A 338 9.40 30.44 13.44
N MET A 339 9.54 31.61 12.82
CA MET A 339 9.41 31.70 11.37
C MET A 339 10.35 30.75 10.64
N SER A 340 11.54 30.52 11.20
CA SER A 340 12.50 29.60 10.56
C SER A 340 11.89 28.20 10.34
N ARG A 341 11.07 27.76 11.30
CA ARG A 341 10.43 26.44 11.21
C ARG A 341 9.39 26.44 10.10
N ILE A 342 8.54 27.47 10.08
CA ILE A 342 7.54 27.63 9.01
C ILE A 342 8.24 27.71 7.66
N ASP A 343 9.29 28.51 7.56
CA ASP A 343 9.99 28.68 6.28
C ASP A 343 10.62 27.38 5.79
N ASP A 344 11.13 26.57 6.74
CA ASP A 344 11.69 25.28 6.38
C ASP A 344 10.60 24.36 5.80
N ALA A 345 9.46 24.30 6.47
CA ALA A 345 8.35 23.42 6.02
C ALA A 345 7.91 23.83 4.62
N VAL A 346 7.72 25.14 4.43
CA VAL A 346 7.28 25.64 3.12
C VAL A 346 8.34 25.45 2.05
N THR A 347 9.61 25.63 2.39
CA THR A 347 10.71 25.42 1.45
C THR A 347 10.64 23.99 0.89
N ARG A 348 10.43 23.03 1.77
CA ARG A 348 10.40 21.59 1.40
C ARG A 348 9.18 21.26 0.54
N ILE A 349 8.02 21.80 0.92
CA ILE A 349 6.79 21.58 0.15
C ILE A 349 6.96 22.18 -1.25
N LEU A 350 7.37 23.45 -1.32
CA LEU A 350 7.61 24.06 -2.63
C LEU A 350 8.69 23.32 -3.43
N ARG A 351 9.75 22.88 -2.75
CA ARG A 351 10.81 22.14 -3.44
C ARG A 351 10.20 20.92 -4.17
N VAL A 352 9.36 20.16 -3.50
CA VAL A 352 8.76 18.99 -4.14
C VAL A 352 7.89 19.41 -5.33
N LYS A 353 7.06 20.44 -5.11
CA LYS A 353 6.15 20.93 -6.17
C LYS A 353 6.89 21.43 -7.41
N PHE A 354 7.92 22.25 -7.23
CA PHE A 354 8.67 22.74 -8.39
C PHE A 354 9.40 21.58 -9.09
N THR A 355 10.03 20.72 -8.29
CA THR A 355 10.85 19.62 -8.82
C THR A 355 10.02 18.72 -9.75
N MET A 356 8.81 18.40 -9.30
CA MET A 356 7.97 17.46 -10.03
C MET A 356 7.28 18.07 -11.25
N GLY A 357 7.44 19.37 -11.45
CA GLY A 357 6.85 20.05 -12.62
C GLY A 357 5.42 20.55 -12.41
N LEU A 358 4.98 20.57 -11.14
CA LEU A 358 3.58 20.91 -10.85
C LEU A 358 3.20 22.34 -11.28
N PHE A 359 4.15 23.27 -11.24
CA PHE A 359 3.89 24.66 -11.66
C PHE A 359 3.74 24.74 -13.18
N GLU A 360 4.33 23.78 -13.91
CA GLU A 360 4.27 23.75 -15.36
C GLU A 360 3.07 22.95 -15.87
N ASN A 361 2.70 21.92 -15.13
CA ASN A 361 1.56 21.09 -15.47
C ASN A 361 0.65 20.86 -14.27
N PRO A 362 -0.05 21.93 -13.85
CA PRO A 362 -0.93 21.82 -12.69
C PRO A 362 -2.23 21.05 -12.98
N TYR A 363 -2.58 20.89 -14.25
CA TYR A 363 -3.87 20.26 -14.61
C TYR A 363 -3.72 18.86 -15.21
N ALA A 364 -4.81 18.10 -15.16
CA ALA A 364 -4.82 16.73 -15.65
C ALA A 364 -4.66 16.67 -17.17
N ASP A 365 -4.15 15.54 -17.65
CA ASP A 365 -4.03 15.31 -19.09
C ASP A 365 -5.13 14.35 -19.54
N PRO A 366 -6.11 14.84 -20.31
CA PRO A 366 -7.25 13.99 -20.71
C PRO A 366 -6.82 12.74 -21.48
N ALA A 367 -5.69 12.85 -22.19
CA ALA A 367 -5.11 11.72 -22.94
C ALA A 367 -4.65 10.57 -22.05
N MET A 368 -4.46 10.84 -20.76
CA MET A 368 -4.03 9.80 -19.83
C MET A 368 -5.17 8.93 -19.30
N ALA A 369 -6.42 9.33 -19.52
CA ALA A 369 -7.57 8.67 -18.88
C ALA A 369 -7.58 7.19 -19.23
N GLU A 370 -7.21 6.88 -20.47
CA GLU A 370 -7.24 5.48 -20.94
C GLU A 370 -6.17 4.57 -20.34
N GLN A 371 -5.24 5.14 -19.57
CA GLN A 371 -4.26 4.34 -18.80
C GLN A 371 -4.92 3.52 -17.69
N LEU A 372 -6.09 3.98 -17.26
CA LEU A 372 -6.82 3.33 -16.16
C LEU A 372 -7.29 1.91 -16.56
N GLY A 373 -6.83 0.91 -15.82
CA GLY A 373 -7.23 -0.46 -16.09
C GLY A 373 -6.72 -0.98 -17.43
N LYS A 374 -5.66 -0.36 -17.96
CA LYS A 374 -5.12 -0.73 -19.27
C LYS A 374 -4.71 -2.22 -19.27
N GLN A 375 -5.06 -2.94 -20.34
CA GLN A 375 -4.80 -4.38 -20.38
C GLN A 375 -3.34 -4.77 -20.12
N GLU A 376 -2.39 -3.99 -20.64
CA GLU A 376 -0.99 -4.27 -20.38
C GLU A 376 -0.68 -4.27 -18.88
N HIS A 377 -1.34 -3.38 -18.14
CA HIS A 377 -1.10 -3.28 -16.69
C HIS A 377 -1.71 -4.50 -16.01
N ARG A 378 -2.86 -4.94 -16.53
CA ARG A 378 -3.50 -6.16 -16.01
C ARG A 378 -2.61 -7.38 -16.28
N ASP A 379 -1.99 -7.43 -17.47
CA ASP A 379 -1.06 -8.52 -17.77
C ASP A 379 0.10 -8.54 -16.76
N LEU A 380 0.56 -7.35 -16.37
CA LEU A 380 1.61 -7.21 -15.37
C LEU A 380 1.13 -7.69 -13.99
N ALA A 381 -0.09 -7.29 -13.61
CA ALA A 381 -0.68 -7.72 -12.33
C ALA A 381 -0.81 -9.25 -12.31
N ARG A 382 -1.22 -9.80 -13.44
CA ARG A 382 -1.36 -11.25 -13.59
C ARG A 382 -0.02 -11.98 -13.39
N GLU A 383 1.04 -11.45 -14.01
CA GLU A 383 2.41 -11.94 -13.80
C GLU A 383 2.79 -11.87 -12.31
N ALA A 384 2.53 -10.72 -11.68
CA ALA A 384 2.87 -10.53 -10.26
C ALA A 384 2.11 -11.52 -9.35
N ALA A 385 0.82 -11.68 -9.62
CA ALA A 385 -0.04 -12.59 -8.81
C ALA A 385 0.57 -14.00 -8.90
N ARG A 386 0.89 -14.42 -10.12
CA ARG A 386 1.43 -15.77 -10.32
C ARG A 386 2.77 -15.95 -9.62
N LYS A 387 3.64 -14.95 -9.71
CA LYS A 387 4.95 -15.01 -9.07
C LYS A 387 4.88 -14.96 -7.55
N SER A 388 3.79 -14.40 -7.01
CA SER A 388 3.65 -14.22 -5.55
C SER A 388 3.24 -15.51 -4.86
N LEU A 389 2.67 -16.45 -5.63
CA LEU A 389 2.08 -17.67 -5.03
C LEU A 389 3.16 -18.53 -4.41
N VAL A 390 2.92 -19.00 -3.19
CA VAL A 390 3.88 -19.93 -2.56
C VAL A 390 3.22 -21.30 -2.38
N LEU A 391 3.80 -22.29 -3.02
CA LEU A 391 3.29 -23.66 -2.96
C LEU A 391 3.82 -24.30 -1.66
N LEU A 392 2.92 -24.62 -0.75
CA LEU A 392 3.31 -25.16 0.56
C LEU A 392 3.25 -26.68 0.63
N LYS A 393 2.43 -27.28 -0.22
CA LYS A 393 2.21 -28.74 -0.22
C LYS A 393 1.79 -29.13 -1.63
N ASN A 394 2.28 -30.27 -2.10
CA ASN A 394 1.89 -30.77 -3.43
C ASN A 394 1.94 -32.29 -3.43
N GLY A 395 1.08 -32.90 -2.62
CA GLY A 395 1.00 -34.37 -2.45
C GLY A 395 1.02 -34.71 -0.96
N LYS A 396 0.20 -35.67 -0.55
CA LYS A 396 0.07 -36.02 0.88
C LYS A 396 1.22 -36.86 1.42
N THR A 397 1.89 -37.60 0.55
CA THR A 397 2.99 -38.46 0.92
C THR A 397 4.07 -38.35 -0.15
N SER A 398 5.28 -38.81 0.19
CA SER A 398 6.39 -38.83 -0.75
C SER A 398 6.16 -39.80 -1.92
N THR A 399 5.18 -40.69 -1.79
CA THR A 399 4.85 -41.68 -2.83
C THR A 399 3.80 -41.14 -3.80
N ASP A 400 3.05 -40.11 -3.39
CA ASP A 400 1.91 -39.64 -4.20
C ASP A 400 2.36 -38.94 -5.48
N ALA A 401 1.55 -39.08 -6.54
CA ALA A 401 1.72 -38.26 -7.74
C ALA A 401 1.51 -36.79 -7.32
N PRO A 402 2.35 -35.88 -7.81
CA PRO A 402 2.08 -34.44 -7.54
C PRO A 402 0.72 -34.05 -8.13
N LEU A 403 -0.11 -33.33 -7.36
CA LEU A 403 -1.42 -32.88 -7.85
C LEU A 403 -1.25 -31.76 -8.88
N LEU A 404 -0.37 -30.81 -8.55
CA LEU A 404 -0.11 -29.66 -9.44
C LEU A 404 1.14 -29.89 -10.28
N PRO A 405 1.12 -29.51 -11.56
CA PRO A 405 -0.02 -28.85 -12.25
C PRO A 405 -1.20 -29.75 -12.63
N LEU A 406 -2.39 -29.17 -12.57
CA LEU A 406 -3.62 -29.82 -12.95
C LEU A 406 -3.79 -29.86 -14.46
N PRO A 407 -4.44 -30.93 -14.99
CA PRO A 407 -4.74 -30.96 -16.42
C PRO A 407 -5.91 -30.02 -16.78
N LYS A 408 -5.77 -29.28 -17.87
CA LYS A 408 -6.84 -28.43 -18.39
C LYS A 408 -8.02 -29.22 -19.00
N LYS A 409 -7.76 -30.46 -19.40
CA LYS A 409 -8.79 -31.32 -19.98
C LYS A 409 -9.15 -32.42 -18.96
N ALA A 410 -10.38 -32.38 -18.49
CA ALA A 410 -10.93 -33.40 -17.58
C ALA A 410 -12.45 -33.40 -17.78
N PRO A 411 -13.11 -34.54 -17.57
CA PRO A 411 -14.56 -34.55 -17.83
C PRO A 411 -15.34 -33.52 -17.00
N LYS A 412 -15.01 -33.42 -15.71
CA LYS A 412 -15.80 -32.56 -14.83
C LYS A 412 -14.92 -32.19 -13.66
N ILE A 413 -14.93 -30.91 -13.31
CA ILE A 413 -14.12 -30.42 -12.17
C ILE A 413 -14.98 -29.55 -11.25
N LEU A 414 -14.57 -29.45 -9.98
CA LEU A 414 -15.29 -28.65 -9.02
C LEU A 414 -14.48 -27.46 -8.56
N VAL A 415 -15.11 -26.28 -8.54
CA VAL A 415 -14.49 -25.08 -7.97
C VAL A 415 -15.38 -24.71 -6.78
N ALA A 416 -14.79 -24.54 -5.61
CA ALA A 416 -15.58 -24.35 -4.40
C ALA A 416 -14.93 -23.37 -3.43
N GLY A 417 -15.69 -22.96 -2.42
CA GLY A 417 -15.14 -22.15 -1.34
C GLY A 417 -15.62 -20.69 -1.44
N SER A 418 -15.65 -20.04 -0.28
CA SER A 418 -16.08 -18.64 -0.13
C SER A 418 -15.22 -17.66 -0.93
N HIS A 419 -13.99 -18.07 -1.26
CA HIS A 419 -13.06 -17.16 -1.94
C HIS A 419 -12.87 -17.50 -3.42
N ALA A 420 -13.62 -18.49 -3.93
CA ALA A 420 -13.46 -18.92 -5.34
C ALA A 420 -14.08 -17.93 -6.33
N ASP A 421 -15.12 -17.23 -5.91
CA ASP A 421 -15.83 -16.31 -6.83
C ASP A 421 -16.19 -15.05 -6.10
N ASN A 422 -15.16 -14.39 -5.56
CA ASN A 422 -15.38 -13.19 -4.76
C ASN A 422 -14.21 -12.24 -4.99
N LEU A 423 -14.42 -11.31 -5.91
CA LEU A 423 -13.36 -10.40 -6.35
C LEU A 423 -12.88 -9.54 -5.18
N GLY A 424 -13.82 -9.01 -4.39
CA GLY A 424 -13.46 -8.20 -3.22
C GLY A 424 -12.57 -8.97 -2.25
N TYR A 425 -12.89 -10.25 -2.02
CA TYR A 425 -12.08 -11.04 -1.08
C TYR A 425 -10.67 -11.25 -1.61
N GLN A 426 -10.55 -11.44 -2.93
CA GLN A 426 -9.21 -11.70 -3.46
C GLN A 426 -8.35 -10.44 -3.50
N CYS A 427 -8.99 -9.27 -3.44
CA CYS A 427 -8.24 -7.99 -3.41
C CYS A 427 -7.86 -7.55 -1.99
N GLY A 428 -8.71 -7.89 -1.02
CA GLY A 428 -8.45 -7.50 0.38
C GLY A 428 -8.66 -5.99 0.61
N GLY A 429 -8.08 -5.49 1.70
CA GLY A 429 -8.29 -4.09 2.11
C GLY A 429 -7.73 -3.09 1.11
N TRP A 430 -8.06 -1.82 1.31
CA TRP A 430 -7.63 -0.74 0.41
C TRP A 430 -8.02 -1.09 -1.03
N THR A 431 -9.26 -1.51 -1.23
CA THR A 431 -9.76 -1.74 -2.59
C THR A 431 -11.19 -1.22 -2.66
N ILE A 432 -11.35 -0.11 -3.39
CA ILE A 432 -12.62 0.60 -3.61
C ILE A 432 -13.08 1.30 -2.32
N GLU A 433 -13.24 0.51 -1.25
CA GLU A 433 -13.47 1.06 0.08
C GLU A 433 -12.16 0.98 0.87
N TRP A 434 -12.11 1.74 1.94
CA TRP A 434 -10.96 1.72 2.85
C TRP A 434 -10.69 0.28 3.32
N GLN A 435 -11.74 -0.37 3.82
CA GLN A 435 -11.64 -1.71 4.44
C GLN A 435 -11.73 -2.83 3.40
N GLY A 436 -11.77 -2.44 2.13
CA GLY A 436 -12.13 -3.39 1.08
C GLY A 436 -13.60 -3.74 1.21
N ASP A 437 -14.03 -4.78 0.49
CA ASP A 437 -15.44 -5.11 0.46
C ASP A 437 -15.63 -6.51 -0.13
N THR A 438 -16.87 -6.97 -0.15
CA THR A 438 -17.23 -8.28 -0.67
C THR A 438 -17.88 -8.19 -2.06
N GLY A 439 -17.59 -9.19 -2.89
CA GLY A 439 -18.27 -9.33 -4.18
C GLY A 439 -17.62 -8.59 -5.34
N ARG A 440 -18.43 -8.27 -6.35
CA ARG A 440 -17.89 -7.74 -7.60
C ARG A 440 -17.84 -6.19 -7.50
N THR A 441 -16.78 -5.72 -6.86
CA THR A 441 -16.65 -4.30 -6.51
C THR A 441 -15.94 -3.50 -7.60
N THR A 442 -15.30 -4.20 -8.53
CA THR A 442 -14.53 -3.53 -9.61
C THR A 442 -14.41 -4.47 -10.80
N VAL A 443 -13.59 -4.09 -11.78
CA VAL A 443 -13.35 -4.94 -12.95
C VAL A 443 -12.23 -5.92 -12.60
N GLY A 444 -12.47 -7.20 -12.85
CA GLY A 444 -11.45 -8.19 -12.53
C GLY A 444 -11.90 -9.58 -12.93
N THR A 445 -11.11 -10.56 -12.54
CA THR A 445 -11.40 -11.96 -12.87
C THR A 445 -11.23 -12.76 -11.58
N THR A 446 -12.30 -13.42 -11.13
CA THR A 446 -12.23 -14.24 -9.91
C THR A 446 -11.53 -15.57 -10.24
N ILE A 447 -11.23 -16.38 -9.21
CA ILE A 447 -10.63 -17.69 -9.43
C ILE A 447 -11.53 -18.58 -10.30
N LEU A 448 -12.84 -18.56 -10.02
CA LEU A 448 -13.79 -19.35 -10.81
C LEU A 448 -13.76 -18.91 -12.27
N GLU A 449 -13.85 -17.61 -12.51
CA GLU A 449 -13.79 -17.07 -13.88
C GLU A 449 -12.47 -17.44 -14.58
N ALA A 450 -11.35 -17.39 -13.85
CA ALA A 450 -10.04 -17.77 -14.37
C ALA A 450 -10.01 -19.26 -14.74
N VAL A 451 -10.63 -20.10 -13.90
CA VAL A 451 -10.69 -21.54 -14.21
C VAL A 451 -11.47 -21.76 -15.52
N LYS A 452 -12.63 -21.13 -15.63
CA LYS A 452 -13.47 -21.29 -16.81
C LYS A 452 -12.74 -20.81 -18.08
N ALA A 453 -11.88 -19.79 -17.92
CA ALA A 453 -11.12 -19.19 -19.03
C ALA A 453 -9.92 -20.03 -19.42
N ALA A 454 -9.49 -20.94 -18.54
CA ALA A 454 -8.27 -21.70 -18.73
C ALA A 454 -8.50 -23.09 -19.29
N VAL A 455 -9.59 -23.73 -18.86
CA VAL A 455 -9.76 -25.17 -19.14
C VAL A 455 -10.18 -25.45 -20.61
N ASP A 456 -9.92 -26.67 -21.04
CA ASP A 456 -10.38 -27.17 -22.35
C ASP A 456 -11.91 -26.99 -22.47
N PRO A 457 -12.42 -26.73 -23.68
CA PRO A 457 -13.86 -26.57 -23.85
C PRO A 457 -14.68 -27.81 -23.45
N SER A 458 -14.06 -28.99 -23.47
CA SER A 458 -14.77 -30.21 -23.06
C SER A 458 -14.87 -30.39 -21.54
N THR A 459 -14.16 -29.55 -20.79
CA THR A 459 -14.14 -29.65 -19.33
C THR A 459 -15.36 -28.98 -18.74
N VAL A 460 -16.18 -29.75 -18.04
CA VAL A 460 -17.33 -29.18 -17.35
C VAL A 460 -16.87 -28.63 -16.01
N VAL A 461 -17.17 -27.35 -15.78
CA VAL A 461 -16.80 -26.68 -14.53
C VAL A 461 -18.04 -26.49 -13.68
N VAL A 462 -18.02 -27.04 -12.48
CA VAL A 462 -19.13 -26.85 -11.55
C VAL A 462 -18.68 -25.95 -10.40
N PHE A 463 -19.50 -24.96 -10.06
CA PHE A 463 -19.23 -24.10 -8.90
C PHE A 463 -20.20 -24.44 -7.76
N ALA A 464 -19.65 -24.64 -6.57
CA ALA A 464 -20.50 -24.73 -5.38
C ALA A 464 -19.77 -24.04 -4.24
N GLU A 465 -20.40 -23.04 -3.65
CA GLU A 465 -19.67 -22.23 -2.66
C GLU A 465 -19.30 -23.05 -1.42
N ASN A 466 -20.25 -23.83 -0.91
CA ASN A 466 -20.01 -24.61 0.29
C ASN A 466 -20.70 -25.97 0.18
N PRO A 467 -20.16 -26.83 -0.69
CA PRO A 467 -20.81 -28.12 -0.93
C PRO A 467 -20.63 -29.06 0.26
N ASP A 468 -21.60 -29.94 0.49
CA ASP A 468 -21.38 -30.98 1.48
C ASP A 468 -20.65 -32.18 0.92
N ALA A 469 -20.21 -33.06 1.81
CA ALA A 469 -19.36 -34.19 1.45
C ALA A 469 -20.02 -35.09 0.40
N GLU A 470 -21.34 -35.27 0.54
CA GLU A 470 -22.08 -36.13 -0.38
C GLU A 470 -22.11 -35.56 -1.79
N PHE A 471 -22.33 -34.25 -1.89
CA PHE A 471 -22.32 -33.56 -3.17
C PHE A 471 -21.02 -33.85 -3.92
N VAL A 472 -19.89 -33.73 -3.22
CA VAL A 472 -18.59 -33.98 -3.81
C VAL A 472 -18.40 -35.45 -4.21
N LYS A 473 -18.70 -36.38 -3.29
CA LYS A 473 -18.50 -37.80 -3.56
C LYS A 473 -19.36 -38.31 -4.72
N SER A 474 -20.54 -37.72 -4.89
CA SER A 474 -21.48 -38.13 -5.93
C SER A 474 -21.28 -37.39 -7.25
N GLY A 475 -20.42 -36.37 -7.26
CA GLY A 475 -20.37 -35.46 -8.39
C GLY A 475 -19.63 -35.90 -9.64
N GLY A 476 -18.85 -36.98 -9.55
CA GLY A 476 -18.05 -37.44 -10.68
C GLY A 476 -16.95 -36.46 -11.07
N PHE A 477 -16.33 -35.84 -10.07
CA PHE A 477 -15.25 -34.88 -10.29
C PHE A 477 -13.85 -35.49 -10.44
N SER A 478 -13.05 -34.93 -11.34
CA SER A 478 -11.66 -35.35 -11.51
C SER A 478 -10.77 -34.80 -10.41
N TYR A 479 -11.07 -33.57 -10.00
CA TYR A 479 -10.35 -32.87 -8.93
C TYR A 479 -11.17 -31.64 -8.57
N ALA A 480 -10.74 -30.98 -7.51
CA ALA A 480 -11.37 -29.74 -7.07
C ALA A 480 -10.34 -28.69 -6.77
N ILE A 481 -10.73 -27.44 -7.02
CA ILE A 481 -9.96 -26.29 -6.59
C ILE A 481 -10.84 -25.59 -5.56
N VAL A 482 -10.31 -25.40 -4.36
CA VAL A 482 -11.11 -24.84 -3.28
C VAL A 482 -10.39 -23.62 -2.68
N ALA A 483 -11.08 -22.47 -2.65
CA ALA A 483 -10.44 -21.22 -2.23
C ALA A 483 -11.13 -20.69 -0.99
N VAL A 484 -10.35 -20.42 0.05
CA VAL A 484 -10.86 -19.96 1.33
C VAL A 484 -9.86 -18.97 1.94
N GLY A 485 -10.25 -18.30 3.01
CA GLY A 485 -9.29 -17.43 3.70
C GLY A 485 -9.89 -16.26 4.45
N GLU A 486 -9.08 -15.21 4.58
CA GLU A 486 -9.45 -14.06 5.39
C GLU A 486 -10.41 -13.14 4.63
N HIS A 487 -11.23 -12.41 5.38
CA HIS A 487 -12.05 -11.34 4.80
C HIS A 487 -11.21 -10.07 4.72
N PRO A 488 -11.59 -9.11 3.85
CA PRO A 488 -10.81 -7.86 3.75
C PRO A 488 -10.77 -7.06 5.05
N TYR A 489 -9.63 -6.42 5.29
CA TYR A 489 -9.48 -5.57 6.48
C TYR A 489 -8.35 -4.60 6.25
N THR A 490 -8.34 -3.54 7.05
CA THR A 490 -7.33 -2.50 6.94
C THR A 490 -7.07 -1.93 8.33
N GLU A 491 -5.81 -1.65 8.63
CA GLU A 491 -5.40 -0.97 9.88
C GLU A 491 -5.97 -1.74 11.11
N THR A 492 -6.54 -1.04 12.08
CA THR A 492 -6.88 -1.70 13.37
C THR A 492 -7.89 -2.83 13.24
N LYS A 493 -8.83 -2.70 12.29
CA LYS A 493 -9.79 -3.77 12.04
C LYS A 493 -9.15 -5.11 11.72
N GLY A 494 -7.90 -5.09 11.26
CA GLY A 494 -7.17 -6.32 10.93
C GLY A 494 -6.34 -6.92 12.06
N ASP A 495 -6.17 -6.17 13.15
CA ASP A 495 -5.44 -6.70 14.32
C ASP A 495 -6.16 -7.97 14.79
N ASN A 496 -5.41 -9.04 14.99
CA ASN A 496 -6.03 -10.35 15.20
C ASN A 496 -5.08 -11.23 16.01
N LEU A 497 -5.51 -11.61 17.22
CA LEU A 497 -4.65 -12.38 18.10
C LEU A 497 -4.71 -13.90 17.88
N ASN A 498 -5.70 -14.36 17.13
CA ASN A 498 -5.90 -15.81 16.94
C ASN A 498 -5.49 -16.33 15.56
N LEU A 499 -5.56 -15.45 14.57
CA LEU A 499 -5.11 -15.77 13.20
C LEU A 499 -5.66 -17.08 12.64
N THR A 500 -6.93 -17.33 12.91
CA THR A 500 -7.64 -18.47 12.35
C THR A 500 -8.60 -17.96 11.29
N ILE A 501 -8.72 -18.66 10.17
CA ILE A 501 -9.59 -18.11 9.12
C ILE A 501 -11.06 -18.26 9.49
N PRO A 502 -11.93 -17.34 9.00
CA PRO A 502 -13.35 -17.51 9.30
C PRO A 502 -13.95 -18.78 8.69
N GLU A 503 -15.02 -19.25 9.33
CA GLU A 503 -15.80 -20.37 8.81
C GLU A 503 -17.07 -19.85 8.13
N PRO A 504 -17.58 -20.60 7.13
CA PRO A 504 -16.99 -21.84 6.64
C PRO A 504 -15.72 -21.59 5.79
N GLY A 505 -14.68 -22.33 6.11
CA GLY A 505 -13.46 -22.34 5.33
C GLY A 505 -12.86 -23.72 5.48
N LEU A 506 -12.38 -24.03 6.69
CA LEU A 506 -11.86 -25.37 6.96
C LEU A 506 -12.91 -26.45 6.69
N SER A 507 -14.16 -26.22 7.09
CA SER A 507 -15.20 -27.25 6.90
C SER A 507 -15.42 -27.56 5.40
N THR A 508 -15.39 -26.51 4.56
CA THR A 508 -15.49 -26.69 3.11
C THR A 508 -14.31 -27.48 2.55
N VAL A 509 -13.09 -27.11 2.95
CA VAL A 509 -11.90 -27.83 2.51
C VAL A 509 -12.02 -29.31 2.90
N GLN A 510 -12.40 -29.59 4.14
CA GLN A 510 -12.55 -30.97 4.58
C GLN A 510 -13.60 -31.75 3.80
N ALA A 511 -14.75 -31.13 3.52
CA ALA A 511 -15.82 -31.80 2.76
C ALA A 511 -15.39 -32.08 1.32
N VAL A 512 -14.71 -31.11 0.72
CA VAL A 512 -14.26 -31.27 -0.66
C VAL A 512 -13.14 -32.28 -0.78
N CYS A 513 -12.07 -32.08 0.00
CA CYS A 513 -10.92 -32.95 -0.14
C CYS A 513 -11.19 -34.37 0.36
N GLY A 514 -12.19 -34.53 1.22
CA GLY A 514 -12.65 -35.87 1.63
C GLY A 514 -13.25 -36.68 0.49
N GLY A 515 -13.71 -35.98 -0.55
CA GLY A 515 -14.41 -36.61 -1.68
C GLY A 515 -13.63 -36.73 -2.97
N VAL A 516 -12.64 -35.86 -3.16
CA VAL A 516 -11.89 -35.81 -4.40
C VAL A 516 -10.55 -35.14 -4.13
N ARG A 517 -9.54 -35.44 -4.94
CA ARG A 517 -8.23 -34.79 -4.82
C ARG A 517 -8.42 -33.29 -5.00
N CYS A 518 -7.70 -32.50 -4.21
CA CYS A 518 -8.09 -31.12 -4.01
C CYS A 518 -6.86 -30.21 -3.88
N ALA A 519 -6.90 -29.09 -4.61
CA ALA A 519 -5.90 -28.05 -4.49
C ALA A 519 -6.56 -26.90 -3.73
N THR A 520 -6.05 -26.60 -2.54
CA THR A 520 -6.57 -25.52 -1.72
C THR A 520 -5.78 -24.23 -1.97
N VAL A 521 -6.51 -23.17 -2.32
CA VAL A 521 -5.93 -21.84 -2.49
C VAL A 521 -6.31 -21.00 -1.27
N LEU A 522 -5.29 -20.61 -0.50
CA LEU A 522 -5.51 -19.84 0.72
C LEU A 522 -5.30 -18.37 0.44
N ILE A 523 -6.35 -17.57 0.61
CA ILE A 523 -6.28 -16.11 0.41
C ILE A 523 -6.15 -15.46 1.78
N SER A 524 -5.02 -14.80 2.03
CA SER A 524 -4.81 -14.17 3.33
C SER A 524 -3.83 -13.02 3.23
N GLY A 525 -3.79 -12.16 4.23
CA GLY A 525 -2.84 -11.05 4.24
C GLY A 525 -1.53 -11.41 4.94
N ARG A 526 -1.42 -12.68 5.36
CA ARG A 526 -0.41 -13.08 6.35
C ARG A 526 -0.50 -14.58 6.61
N PRO A 527 0.54 -15.16 7.21
CA PRO A 527 0.38 -16.52 7.70
C PRO A 527 -0.79 -16.59 8.69
N VAL A 528 -1.56 -17.68 8.59
CA VAL A 528 -2.67 -17.97 9.49
C VAL A 528 -2.54 -19.43 9.93
N VAL A 529 -3.27 -19.83 10.97
CA VAL A 529 -3.21 -21.23 11.44
C VAL A 529 -3.53 -22.16 10.27
N VAL A 530 -2.59 -23.03 9.88
CA VAL A 530 -2.75 -23.75 8.61
C VAL A 530 -2.63 -25.29 8.70
N GLN A 531 -2.20 -25.82 9.85
CA GLN A 531 -2.10 -27.30 9.95
C GLN A 531 -3.38 -28.06 9.56
N PRO A 532 -4.57 -27.66 10.06
CA PRO A 532 -5.78 -28.38 9.67
C PRO A 532 -6.07 -28.30 8.17
N LEU A 533 -5.82 -27.14 7.56
CA LEU A 533 -5.99 -27.02 6.11
C LEU A 533 -5.00 -27.92 5.36
N LEU A 534 -3.74 -27.91 5.78
CA LEU A 534 -2.73 -28.79 5.22
C LEU A 534 -3.13 -30.26 5.32
N ALA A 535 -3.63 -30.66 6.51
CA ALA A 535 -3.93 -32.08 6.75
C ALA A 535 -4.99 -32.61 5.79
N ALA A 536 -5.95 -31.76 5.45
CA ALA A 536 -7.06 -32.11 4.56
C ALA A 536 -6.65 -32.14 3.08
N SER A 537 -5.68 -31.30 2.71
CA SER A 537 -5.45 -30.98 1.29
C SER A 537 -4.38 -31.82 0.61
N ASP A 538 -4.59 -32.14 -0.66
CA ASP A 538 -3.53 -32.74 -1.46
C ASP A 538 -2.47 -31.73 -1.80
N ALA A 539 -2.90 -30.54 -2.25
CA ALA A 539 -1.97 -29.44 -2.47
C ALA A 539 -2.53 -28.19 -1.81
N LEU A 540 -1.63 -27.29 -1.39
CA LEU A 540 -2.05 -26.03 -0.77
C LEU A 540 -1.12 -24.90 -1.22
N VAL A 541 -1.75 -23.81 -1.66
CA VAL A 541 -1.06 -22.64 -2.17
C VAL A 541 -1.41 -21.43 -1.29
N ALA A 542 -0.37 -20.72 -0.82
CA ALA A 542 -0.58 -19.43 -0.14
C ALA A 542 -0.60 -18.39 -1.26
N ALA A 543 -1.77 -17.83 -1.56
CA ALA A 543 -1.91 -16.88 -2.65
C ALA A 543 -1.92 -15.42 -2.16
N TRP A 544 -1.86 -15.21 -0.85
CA TRP A 544 -1.84 -13.85 -0.25
C TRP A 544 -3.11 -13.10 -0.69
N LEU A 545 -2.97 -11.84 -1.13
CA LEU A 545 -4.12 -11.04 -1.61
C LEU A 545 -3.78 -10.64 -3.05
N PRO A 546 -4.08 -11.54 -3.99
CA PRO A 546 -3.49 -11.40 -5.34
C PRO A 546 -4.03 -10.28 -6.23
N GLY A 547 -5.11 -9.63 -5.85
CA GLY A 547 -5.62 -8.47 -6.64
C GLY A 547 -6.68 -8.86 -7.67
N SER A 548 -6.85 -8.00 -8.65
CA SER A 548 -7.97 -8.16 -9.59
C SER A 548 -7.76 -9.27 -10.63
N GLU A 549 -6.51 -9.70 -10.85
CA GLU A 549 -6.20 -10.62 -11.98
C GLU A 549 -6.06 -12.07 -11.51
N GLY A 550 -7.22 -12.70 -11.30
CA GLY A 550 -7.30 -14.08 -10.80
C GLY A 550 -6.67 -15.11 -11.72
N GLN A 551 -6.50 -14.79 -13.01
CA GLN A 551 -5.78 -15.69 -13.91
C GLN A 551 -4.32 -15.95 -13.50
N GLY A 552 -3.74 -15.06 -12.67
CA GLY A 552 -2.40 -15.32 -12.14
C GLY A 552 -2.38 -16.62 -11.34
N VAL A 553 -3.49 -16.89 -10.65
CA VAL A 553 -3.60 -18.10 -9.83
C VAL A 553 -3.66 -19.34 -10.72
N THR A 554 -4.52 -19.30 -11.72
CA THR A 554 -4.68 -20.46 -12.62
C THR A 554 -3.50 -20.67 -13.56
N ASP A 555 -2.75 -19.60 -13.86
CA ASP A 555 -1.50 -19.71 -14.63
C ASP A 555 -0.54 -20.71 -14.00
N ALA A 556 -0.52 -20.76 -12.66
CA ALA A 556 0.31 -21.71 -11.94
C ALA A 556 -0.42 -23.05 -11.68
N LEU A 557 -1.71 -22.99 -11.33
CA LEU A 557 -2.43 -24.24 -11.04
C LEU A 557 -2.41 -25.21 -12.23
N PHE A 558 -2.54 -24.67 -13.43
CA PHE A 558 -2.60 -25.48 -14.66
C PHE A 558 -1.27 -25.63 -15.40
N GLY A 559 -0.19 -25.14 -14.80
CA GLY A 559 1.15 -25.40 -15.32
C GLY A 559 1.60 -24.56 -16.49
N ASP A 560 0.89 -23.48 -16.81
CA ASP A 560 1.42 -22.53 -17.82
C ASP A 560 2.77 -21.96 -17.38
N PHE A 561 2.92 -21.79 -16.07
CA PHE A 561 4.18 -21.38 -15.45
C PHE A 561 4.40 -22.23 -14.22
N GLY A 562 5.67 -22.41 -13.84
CA GLY A 562 5.95 -23.13 -12.61
C GLY A 562 5.80 -22.22 -11.40
N PHE A 563 5.53 -22.81 -10.24
CA PHE A 563 5.53 -22.06 -8.97
C PHE A 563 6.97 -21.65 -8.64
N THR A 564 7.15 -20.39 -8.23
CA THR A 564 8.49 -19.88 -7.87
C THR A 564 8.51 -19.06 -6.59
N GLY A 565 7.32 -18.65 -6.10
CA GLY A 565 7.25 -17.79 -4.89
C GLY A 565 7.87 -18.48 -3.67
N ARG A 566 8.50 -17.69 -2.80
CA ARG A 566 9.08 -18.17 -1.54
C ARG A 566 8.58 -17.32 -0.38
N LEU A 567 8.28 -17.96 0.76
CA LEU A 567 7.71 -17.22 1.89
C LEU A 567 8.57 -15.99 2.24
N PRO A 568 7.94 -14.79 2.26
CA PRO A 568 8.65 -13.59 2.72
C PRO A 568 8.50 -13.38 4.23
N ARG A 569 7.85 -14.32 4.89
CA ARG A 569 7.61 -14.27 6.34
C ARG A 569 7.74 -15.68 6.88
N THR A 570 8.02 -15.77 8.18
CA THR A 570 7.94 -17.03 8.90
C THR A 570 6.51 -17.52 8.99
N TRP A 571 6.30 -18.82 8.71
CA TRP A 571 5.00 -19.40 9.02
C TRP A 571 5.10 -20.12 10.36
N PHE A 572 4.41 -19.56 11.35
CA PHE A 572 4.41 -20.07 12.73
C PHE A 572 3.63 -21.39 12.86
N LYS A 573 4.00 -22.20 13.86
CA LYS A 573 3.17 -23.35 14.23
C LYS A 573 1.96 -22.93 15.05
N SER A 574 2.15 -21.93 15.92
CA SER A 574 1.09 -21.50 16.83
C SER A 574 1.27 -20.01 17.13
N VAL A 575 0.17 -19.31 17.38
CA VAL A 575 0.24 -17.86 17.71
C VAL A 575 0.94 -17.61 19.06
N ASP A 576 0.96 -18.64 19.93
CA ASP A 576 1.67 -18.51 21.21
C ASP A 576 3.19 -18.37 21.04
N GLN A 577 3.69 -18.70 19.85
CA GLN A 577 5.09 -18.52 19.53
C GLN A 577 5.45 -17.06 19.24
N LEU A 578 4.44 -16.26 18.93
CA LEU A 578 4.70 -14.93 18.38
C LEU A 578 5.13 -13.89 19.43
N PRO A 579 6.01 -12.94 19.05
CA PRO A 579 6.67 -12.80 17.73
C PRO A 579 7.80 -13.81 17.53
N MET A 580 7.93 -14.29 16.31
CA MET A 580 8.97 -15.24 15.95
C MET A 580 9.43 -14.98 14.51
N ASN A 581 10.64 -14.46 14.38
CA ASN A 581 11.17 -14.04 13.08
C ASN A 581 12.46 -14.77 12.77
N VAL A 582 12.76 -14.90 11.47
CA VAL A 582 13.98 -15.55 11.03
C VAL A 582 15.20 -14.90 11.69
N GLY A 583 16.09 -15.73 12.23
CA GLY A 583 17.26 -15.23 12.95
C GLY A 583 17.10 -15.17 14.45
N ASP A 584 15.89 -15.42 14.95
CA ASP A 584 15.61 -15.47 16.38
C ASP A 584 16.30 -16.68 17.00
N ALA A 585 16.56 -16.61 18.31
CA ALA A 585 17.18 -17.72 19.04
C ALA A 585 16.24 -18.94 19.14
N HIS A 586 14.96 -18.69 19.45
CA HIS A 586 13.99 -19.79 19.68
C HIS A 586 13.28 -20.32 18.40
N TYR A 587 13.92 -20.16 17.24
CA TYR A 587 13.23 -20.26 15.94
C TYR A 587 12.68 -21.66 15.60
N ASP A 588 11.36 -21.83 15.72
CA ASP A 588 10.70 -23.11 15.52
C ASP A 588 9.50 -22.98 14.55
N PRO A 589 9.78 -22.68 13.26
CA PRO A 589 8.67 -22.42 12.32
C PRO A 589 7.99 -23.70 11.81
N LEU A 590 6.72 -23.58 11.40
CA LEU A 590 6.09 -24.59 10.55
C LEU A 590 6.76 -24.58 9.18
N PHE A 591 6.92 -23.39 8.59
CA PHE A 591 7.72 -23.22 7.39
C PHE A 591 8.60 -22.01 7.61
N ARG A 592 9.91 -22.18 7.42
CA ARG A 592 10.85 -21.05 7.57
C ARG A 592 10.65 -20.01 6.47
N LEU A 593 11.04 -18.78 6.77
CA LEU A 593 11.17 -17.74 5.73
C LEU A 593 11.99 -18.30 4.58
N GLY A 594 11.52 -18.10 3.36
CA GLY A 594 12.21 -18.55 2.18
C GLY A 594 11.76 -19.91 1.65
N TYR A 595 10.94 -20.61 2.42
CA TYR A 595 10.36 -21.90 1.97
C TYR A 595 9.41 -21.72 0.78
N GLY A 596 9.51 -22.61 -0.19
CA GLY A 596 8.48 -22.71 -1.23
C GLY A 596 8.79 -23.88 -2.14
N LEU A 597 7.79 -24.72 -2.36
CA LEU A 597 7.92 -25.84 -3.30
C LEU A 597 7.86 -25.28 -4.72
N THR A 598 8.40 -26.02 -5.69
CA THR A 598 8.32 -25.57 -7.08
C THR A 598 7.62 -26.60 -7.97
N THR A 599 7.23 -26.14 -9.16
CA THR A 599 6.75 -27.03 -10.20
C THR A 599 7.40 -26.51 -11.48
N ASN A 600 7.31 -27.29 -12.54
CA ASN A 600 7.71 -26.83 -13.86
C ASN A 600 6.53 -26.70 -14.81
N ALA A 601 6.61 -25.74 -15.71
CA ALA A 601 5.59 -25.53 -16.73
C ALA A 601 5.33 -26.80 -17.53
N THR A 602 4.08 -27.05 -17.88
CA THR A 602 3.71 -28.22 -18.68
C THR A 602 4.22 -28.06 -20.11
#